data_2YN2
#
_entry.id   2YN2
#
_cell.length_a   86.720
_cell.length_b   86.720
_cell.length_c   98.960
_cell.angle_alpha   90.00
_cell.angle_beta   90.00
_cell.angle_gamma   120.00
#
_symmetry.space_group_name_H-M   'P 32 2 1'
#
loop_
_entity.id
_entity.type
_entity.pdbx_description
1 polymer 'UNCHARACTERIZED PROTEIN YNL108C'
2 non-polymer 'FORMIC ACID'
3 water water
#
_entity_poly.entity_id   1
_entity_poly.type   'polypeptide(L)'
_entity_poly.pdbx_seq_one_letter_code
;MKHHHHHHPMAIENIYIARHGYRSNWLPKGPYPPPPTGIDNDVPLSEHGVEQAHELANYISKLDVKPEMIFSSPFYRCLE
TSKPTVEALKIPLYVDRGVGEWYKPDRPIIPEPATHEVMSKFFPSMISPDWEPSIIPSNKGETEEDIFERCHKFWPVFID
RVERKFPNVKTIMIVTHAATKSALGMNLLKFSSAKEPIDNKGTFIRNGSCAIDKFELVKGENESIPFEEREWKLTMNGNT
SFLTNGEEMNWTFMNAFEAGSDADIKARRAAESGKLKME
;
_entity_poly.pdbx_strand_id   A
#
loop_
_chem_comp.id
_chem_comp.type
_chem_comp.name
_chem_comp.formula
FMT non-polymer 'FORMIC ACID' 'C H2 O2'
#
# COMPACT_ATOMS: atom_id res chain seq x y z
N ALA A 11 -12.79 -10.43 15.25
CA ALA A 11 -11.89 -9.62 16.07
C ALA A 11 -11.42 -8.32 15.36
N ILE A 12 -10.89 -8.40 14.14
CA ILE A 12 -10.48 -7.16 13.44
C ILE A 12 -11.70 -6.28 13.18
N GLU A 13 -11.67 -5.04 13.66
CA GLU A 13 -12.75 -4.09 13.38
C GLU A 13 -12.27 -2.76 12.76
N ASN A 14 -10.96 -2.56 12.71
CA ASN A 14 -10.39 -1.35 12.10
C ASN A 14 -9.27 -1.72 11.14
N ILE A 15 -9.36 -1.24 9.91
CA ILE A 15 -8.30 -1.46 8.94
C ILE A 15 -7.87 -0.15 8.26
N TYR A 16 -6.63 0.25 8.51
CA TYR A 16 -6.02 1.35 7.79
C TYR A 16 -5.28 0.82 6.57
N ILE A 17 -5.33 1.56 5.46
CA ILE A 17 -4.56 1.21 4.26
C ILE A 17 -3.91 2.47 3.70
N ALA A 18 -2.58 2.49 3.65
CA ALA A 18 -1.85 3.66 3.15
C ALA A 18 -0.98 3.29 1.96
N ARG A 19 -0.72 4.27 1.12
CA ARG A 19 0.20 4.11 0.03
C ARG A 19 1.57 4.56 0.50
N HIS A 20 2.63 3.97 -0.06
CA HIS A 20 3.98 4.45 0.20
C HIS A 20 4.10 5.94 -0.14
N GLY A 21 5.19 6.56 0.28
CA GLY A 21 5.42 7.98 0.03
C GLY A 21 6.07 8.29 -1.32
N TYR A 22 6.54 9.52 -1.47
CA TYR A 22 7.06 10.04 -2.74
C TYR A 22 8.23 9.19 -3.26
N ARG A 23 8.14 8.67 -4.47
CA ARG A 23 9.20 7.82 -5.03
C ARG A 23 10.34 8.61 -5.65
N SER A 24 11.53 8.01 -5.63
CA SER A 24 12.73 8.68 -6.14
C SER A 24 12.70 8.91 -7.65
N ASN A 25 11.96 8.06 -8.37
CA ASN A 25 11.81 8.24 -9.82
C ASN A 25 10.82 9.34 -10.15
N TRP A 26 10.23 9.97 -9.14
CA TRP A 26 9.38 11.12 -9.38
C TRP A 26 10.16 12.43 -9.39
N LEU A 27 11.45 12.40 -9.08
CA LEU A 27 12.26 13.63 -9.08
C LEU A 27 12.28 14.21 -10.50
N PRO A 28 12.07 15.54 -10.62
CA PRO A 28 12.05 16.16 -11.96
C PRO A 28 13.30 15.83 -12.79
N LYS A 29 14.48 15.94 -12.18
CA LYS A 29 15.75 15.79 -12.92
C LYS A 29 16.74 14.86 -12.23
N GLY A 30 16.29 14.13 -11.19
CA GLY A 30 17.22 13.29 -10.47
C GLY A 30 17.93 14.11 -9.42
N PRO A 31 19.10 13.67 -8.96
CA PRO A 31 19.72 12.40 -9.37
C PRO A 31 18.89 11.20 -8.91
N TYR A 32 18.90 10.14 -9.72
CA TYR A 32 18.08 8.97 -9.48
C TYR A 32 18.94 7.85 -8.92
N PRO A 33 18.63 7.40 -7.68
CA PRO A 33 19.39 6.27 -7.12
C PRO A 33 19.01 4.97 -7.80
N PRO A 34 19.92 3.98 -7.79
CA PRO A 34 19.50 2.67 -8.29
C PRO A 34 18.63 1.98 -7.24
N PRO A 35 17.79 1.03 -7.65
CA PRO A 35 17.03 0.27 -6.65
C PRO A 35 18.00 -0.45 -5.72
N PRO A 36 17.91 -0.20 -4.41
CA PRO A 36 18.86 -0.81 -3.46
C PRO A 36 19.01 -2.31 -3.62
N THR A 37 17.92 -3.00 -3.96
CA THR A 37 17.93 -4.46 -4.10
C THR A 37 18.34 -4.93 -5.48
N GLY A 38 18.53 -3.99 -6.41
CA GLY A 38 18.88 -4.34 -7.77
C GLY A 38 17.69 -4.80 -8.58
N ILE A 39 16.54 -4.90 -7.93
CA ILE A 39 15.33 -5.43 -8.56
C ILE A 39 14.63 -4.34 -9.35
N ASP A 40 14.16 -4.68 -10.54
CA ASP A 40 13.54 -3.69 -11.39
C ASP A 40 12.35 -3.07 -10.67
N ASN A 41 12.25 -1.75 -10.75
CA ASN A 41 11.13 -1.02 -10.15
C ASN A 41 11.19 -0.89 -8.62
N ASP A 42 12.19 -1.49 -7.98
CA ASP A 42 12.27 -1.47 -6.52
C ASP A 42 12.99 -0.21 -6.02
N VAL A 43 12.43 0.95 -6.35
CA VAL A 43 13.06 2.24 -6.02
C VAL A 43 12.81 2.64 -4.57
N PRO A 44 13.72 3.44 -4.00
CA PRO A 44 13.50 3.94 -2.64
C PRO A 44 12.61 5.19 -2.66
N LEU A 45 12.31 5.73 -1.50
CA LEU A 45 11.63 7.01 -1.39
C LEU A 45 12.62 8.12 -1.70
N SER A 46 12.13 9.24 -2.22
CA SER A 46 12.94 10.44 -2.32
C SER A 46 13.03 11.01 -0.91
N GLU A 47 13.87 12.02 -0.70
CA GLU A 47 13.93 12.69 0.59
C GLU A 47 12.57 13.19 1.03
N HIS A 48 11.82 13.77 0.10
CA HIS A 48 10.48 14.25 0.38
C HIS A 48 9.55 13.10 0.83
N GLY A 49 9.69 11.94 0.21
CA GLY A 49 8.89 10.77 0.55
C GLY A 49 9.15 10.29 1.97
N VAL A 50 10.40 10.35 2.39
CA VAL A 50 10.78 10.02 3.76
C VAL A 50 10.16 11.01 4.75
N GLU A 51 10.13 12.29 4.37
CA GLU A 51 9.49 13.31 5.21
C GLU A 51 8.00 13.03 5.34
N GLN A 52 7.37 12.66 4.24
CA GLN A 52 5.97 12.30 4.28
C GLN A 52 5.78 11.14 5.27
N ALA A 53 6.69 10.18 5.21
CA ALA A 53 6.57 8.95 5.98
C ALA A 53 6.64 9.25 7.47
N HIS A 54 7.47 10.22 7.82
CA HIS A 54 7.59 10.68 9.19
C HIS A 54 6.35 11.45 9.63
N GLU A 55 5.78 12.23 8.72
CA GLU A 55 4.55 12.95 9.03
C GLU A 55 3.37 12.00 9.18
N LEU A 56 3.40 10.88 8.46
CA LEU A 56 2.37 9.87 8.58
C LEU A 56 2.48 9.23 9.96
N ALA A 57 3.71 8.94 10.36
CA ALA A 57 3.99 8.32 11.65
C ALA A 57 3.52 9.21 12.80
N ASN A 58 3.85 10.49 12.73
CA ASN A 58 3.42 11.46 13.74
C ASN A 58 1.91 11.51 13.85
N TYR A 59 1.24 11.56 12.70
CA TYR A 59 -0.21 11.55 12.66
C TYR A 59 -0.78 10.29 13.30
N ILE A 60 -0.21 9.14 12.96
CA ILE A 60 -0.73 7.87 13.44
C ILE A 60 -0.48 7.75 14.95
N SER A 61 0.62 8.37 15.42
CA SER A 61 1.00 8.27 16.82
C SER A 61 0.08 9.11 17.70
N LYS A 62 -0.69 10.00 17.07
CA LYS A 62 -1.64 10.85 17.79
C LYS A 62 -3.08 10.33 17.71
N LEU A 63 -3.26 9.19 17.06
CA LEU A 63 -4.59 8.62 16.91
C LEU A 63 -5.10 8.06 18.23
N ASP A 64 -6.41 8.10 18.43
CA ASP A 64 -7.00 7.48 19.61
C ASP A 64 -6.89 5.97 19.49
N VAL A 65 -7.19 5.46 18.29
CA VAL A 65 -7.09 4.03 18.03
C VAL A 65 -5.97 3.73 17.04
N LYS A 66 -4.78 3.47 17.57
CA LYS A 66 -3.60 3.25 16.76
C LYS A 66 -3.62 1.84 16.19
N PRO A 67 -2.91 1.64 15.07
CA PRO A 67 -2.68 0.29 14.55
C PRO A 67 -1.87 -0.50 15.57
N GLU A 68 -2.10 -1.80 15.63
CA GLU A 68 -1.39 -2.67 16.56
C GLU A 68 -0.38 -3.54 15.81
N MET A 69 -0.51 -3.59 14.49
CA MET A 69 0.46 -4.25 13.61
C MET A 69 0.41 -3.67 12.21
N ILE A 70 1.52 -3.78 11.48
CA ILE A 70 1.57 -3.36 10.09
C ILE A 70 1.85 -4.55 9.20
N PHE A 71 1.10 -4.65 8.10
CA PHE A 71 1.43 -5.58 7.04
C PHE A 71 1.81 -4.82 5.77
N SER A 72 3.07 -4.95 5.35
CA SER A 72 3.61 -4.15 4.25
C SER A 72 3.87 -4.99 3.00
N SER A 73 3.67 -4.37 1.83
CA SER A 73 4.16 -4.93 0.58
C SER A 73 5.63 -5.26 0.80
N PRO A 74 6.15 -6.24 0.05
CA PRO A 74 7.57 -6.62 0.10
C PRO A 74 8.50 -5.63 -0.60
N PHE A 75 7.92 -4.64 -1.28
CA PHE A 75 8.73 -3.69 -2.04
C PHE A 75 9.35 -2.64 -1.14
N TYR A 76 10.57 -2.28 -1.46
CA TYR A 76 11.38 -1.41 -0.63
C TYR A 76 10.65 -0.13 -0.23
N ARG A 77 9.96 0.51 -1.17
CA ARG A 77 9.32 1.79 -0.86
C ARG A 77 8.24 1.68 0.23
N CYS A 78 7.61 0.53 0.36
CA CYS A 78 6.56 0.35 1.36
C CYS A 78 7.15 0.09 2.74
N LEU A 79 8.20 -0.74 2.79
CA LEU A 79 8.92 -0.97 4.02
C LEU A 79 9.53 0.33 4.54
N GLU A 80 10.01 1.16 3.61
CA GLU A 80 10.64 2.41 4.00
C GLU A 80 9.60 3.39 4.52
N THR A 81 8.39 3.34 3.95
CA THR A 81 7.33 4.21 4.42
C THR A 81 6.83 3.71 5.79
N SER A 82 6.94 2.40 6.03
CA SER A 82 6.44 1.78 7.26
C SER A 82 7.35 2.10 8.45
N LYS A 83 8.64 2.14 8.16
CA LYS A 83 9.68 2.17 9.19
C LYS A 83 9.45 3.19 10.32
N PRO A 84 9.18 4.46 9.96
CA PRO A 84 9.02 5.44 11.03
C PRO A 84 7.80 5.22 11.91
N THR A 85 6.75 4.61 11.37
CA THR A 85 5.59 4.30 12.18
C THR A 85 5.88 3.13 13.11
N VAL A 86 6.64 2.15 12.62
CA VAL A 86 7.03 1.00 13.43
C VAL A 86 7.87 1.49 14.61
N GLU A 87 8.73 2.47 14.35
CA GLU A 87 9.64 2.98 15.37
C GLU A 87 8.91 3.87 16.37
N ALA A 88 7.90 4.60 15.89
CA ALA A 88 7.10 5.45 16.79
C ALA A 88 6.24 4.61 17.73
N LEU A 89 5.57 3.60 17.18
CA LEU A 89 4.60 2.80 17.90
C LEU A 89 5.19 1.52 18.49
N LYS A 90 6.39 1.16 18.05
CA LYS A 90 7.00 -0.12 18.39
C LYS A 90 6.00 -1.26 18.33
N ILE A 91 5.50 -1.50 17.13
CA ILE A 91 4.58 -2.60 16.89
C ILE A 91 5.26 -3.59 15.94
N PRO A 92 4.66 -4.77 15.76
CA PRO A 92 5.22 -5.74 14.82
C PRO A 92 4.90 -5.35 13.37
N LEU A 93 5.81 -5.67 12.45
CA LEU A 93 5.56 -5.48 11.02
C LEU A 93 5.83 -6.80 10.31
N TYR A 94 4.87 -7.25 9.50
CA TYR A 94 5.09 -8.41 8.63
C TYR A 94 5.00 -8.01 7.16
N VAL A 95 5.72 -8.70 6.30
CA VAL A 95 5.59 -8.52 4.87
C VAL A 95 4.65 -9.57 4.29
N ASP A 96 3.65 -9.13 3.53
CA ASP A 96 2.77 -10.04 2.83
C ASP A 96 2.81 -9.72 1.32
N ARG A 97 3.37 -10.63 0.53
CA ARG A 97 3.47 -10.46 -0.91
C ARG A 97 2.10 -10.23 -1.55
N GLY A 98 1.05 -10.57 -0.83
CA GLY A 98 -0.30 -10.43 -1.36
C GLY A 98 -0.75 -8.98 -1.53
N VAL A 99 -0.04 -8.05 -0.90
CA VAL A 99 -0.36 -6.65 -1.07
C VAL A 99 0.74 -5.97 -1.91
N GLY A 100 1.44 -6.76 -2.71
CA GLY A 100 2.52 -6.27 -3.56
C GLY A 100 2.01 -5.46 -4.74
N GLU A 101 2.92 -4.88 -5.53
CA GLU A 101 2.58 -3.94 -6.60
C GLU A 101 1.83 -4.58 -7.77
N TRP A 102 1.14 -3.73 -8.54
CA TRP A 102 0.43 -4.14 -9.75
C TRP A 102 1.30 -3.99 -11.00
N TYR A 103 1.50 -5.08 -11.73
CA TYR A 103 2.23 -5.06 -13.00
C TYR A 103 1.41 -5.71 -14.09
N LYS A 104 1.17 -4.98 -15.17
CA LYS A 104 0.37 -5.50 -16.28
C LYS A 104 1.10 -6.60 -17.04
N PRO A 105 0.34 -7.46 -17.73
CA PRO A 105 0.91 -8.65 -18.36
C PRO A 105 1.88 -8.30 -19.47
N ASP A 106 1.65 -7.15 -20.11
CA ASP A 106 2.45 -6.72 -21.24
C ASP A 106 3.64 -5.88 -20.80
N ARG A 107 3.82 -5.71 -19.49
CA ARG A 107 4.99 -5.00 -18.99
C ARG A 107 6.23 -5.77 -19.43
N PRO A 108 7.25 -5.05 -19.92
CA PRO A 108 8.46 -5.74 -20.40
C PRO A 108 9.12 -6.58 -19.33
N ILE A 109 9.28 -6.04 -18.13
CA ILE A 109 9.77 -6.81 -16.99
C ILE A 109 8.68 -6.94 -15.93
N ILE A 110 8.46 -8.14 -15.44
CA ILE A 110 7.53 -8.35 -14.33
C ILE A 110 8.36 -8.60 -13.07
N PRO A 111 8.52 -7.56 -12.24
CA PRO A 111 9.45 -7.66 -11.11
C PRO A 111 8.98 -8.62 -10.03
N GLU A 112 9.93 -9.22 -9.33
CA GLU A 112 9.62 -10.09 -8.20
C GLU A 112 10.39 -9.58 -7.00
N PRO A 113 9.66 -9.29 -5.91
CA PRO A 113 10.26 -8.59 -4.78
C PRO A 113 11.33 -9.45 -4.10
N ALA A 114 12.16 -8.81 -3.28
CA ALA A 114 13.25 -9.51 -2.64
C ALA A 114 12.69 -10.44 -1.56
N THR A 115 13.52 -11.36 -1.10
CA THR A 115 13.14 -12.30 -0.04
C THR A 115 13.33 -11.64 1.33
N HIS A 116 12.86 -12.31 2.39
CA HIS A 116 13.00 -11.73 3.71
C HIS A 116 14.47 -11.55 4.05
N GLU A 117 15.30 -12.50 3.60
CA GLU A 117 16.71 -12.48 3.92
C GLU A 117 17.39 -11.26 3.31
N VAL A 118 17.12 -11.02 2.03
CA VAL A 118 17.70 -9.88 1.33
C VAL A 118 17.21 -8.56 1.92
N MET A 119 15.89 -8.42 2.00
CA MET A 119 15.32 -7.15 2.42
C MET A 119 15.67 -6.80 3.86
N SER A 120 15.87 -7.80 4.72
CA SER A 120 16.10 -7.53 6.14
C SER A 120 17.48 -6.90 6.33
N LYS A 121 18.41 -7.23 5.44
CA LYS A 121 19.71 -6.56 5.44
C LYS A 121 19.53 -5.05 5.29
N PHE A 122 18.43 -4.64 4.66
CA PHE A 122 18.13 -3.22 4.46
C PHE A 122 17.34 -2.64 5.62
N PHE A 123 16.58 -3.47 6.32
CA PHE A 123 15.82 -3.02 7.49
C PHE A 123 16.06 -4.00 8.63
N PRO A 124 17.26 -3.93 9.24
CA PRO A 124 17.70 -4.91 10.24
C PRO A 124 16.75 -4.95 11.42
N SER A 125 16.15 -6.11 11.65
CA SER A 125 15.36 -6.37 12.85
C SER A 125 13.99 -5.70 12.84
N MET A 126 13.61 -5.11 11.70
CA MET A 126 12.32 -4.43 11.60
C MET A 126 11.20 -5.38 11.19
N ILE A 127 11.54 -6.41 10.44
CA ILE A 127 10.52 -7.27 9.86
C ILE A 127 10.45 -8.60 10.63
N SER A 128 9.31 -8.84 11.27
CA SER A 128 9.11 -10.10 11.97
C SER A 128 9.01 -11.24 10.97
N PRO A 129 9.81 -12.29 11.15
CA PRO A 129 9.77 -13.46 10.28
C PRO A 129 8.56 -14.35 10.56
N ASP A 130 8.43 -15.43 9.81
CA ASP A 130 7.35 -16.38 10.02
C ASP A 130 5.99 -15.76 9.70
N TRP A 131 5.85 -15.33 8.45
CA TRP A 131 4.56 -14.93 7.91
C TRP A 131 4.56 -15.21 6.42
N GLU A 132 3.82 -16.23 6.02
CA GLU A 132 3.79 -16.62 4.62
C GLU A 132 2.86 -15.70 3.82
N PRO A 133 3.01 -15.69 2.49
CA PRO A 133 2.12 -14.86 1.67
C PRO A 133 0.67 -15.33 1.73
N SER A 134 -0.27 -14.41 1.88
CA SER A 134 -1.69 -14.76 1.85
C SER A 134 -2.08 -15.16 0.44
N ILE A 135 -1.43 -14.53 -0.54
CA ILE A 135 -1.55 -14.91 -1.94
C ILE A 135 -0.37 -14.31 -2.70
N ILE A 136 0.02 -14.92 -3.81
CA ILE A 136 1.15 -14.41 -4.58
C ILE A 136 0.71 -13.86 -5.92
N PRO A 137 0.94 -12.56 -6.16
CA PRO A 137 0.55 -11.96 -7.43
C PRO A 137 1.25 -12.65 -8.61
N SER A 138 0.49 -12.93 -9.66
CA SER A 138 1.01 -13.67 -10.81
C SER A 138 2.31 -13.06 -11.30
N ASN A 139 3.31 -13.90 -11.51
CA ASN A 139 4.59 -13.42 -12.01
C ASN A 139 4.53 -13.21 -13.54
N LYS A 140 3.34 -13.30 -14.09
CA LYS A 140 3.11 -12.99 -15.49
C LYS A 140 2.29 -11.71 -15.61
N GLY A 141 2.09 -11.02 -14.49
CA GLY A 141 1.35 -9.77 -14.48
C GLY A 141 -0.14 -10.00 -14.34
N GLU A 142 -0.88 -8.90 -14.22
CA GLU A 142 -2.32 -8.96 -13.96
C GLU A 142 -3.03 -7.88 -14.76
N THR A 143 -4.12 -8.26 -15.40
CA THR A 143 -5.02 -7.27 -15.97
C THR A 143 -5.66 -6.52 -14.80
N GLU A 144 -6.42 -5.47 -15.09
CA GLU A 144 -7.15 -4.78 -14.03
C GLU A 144 -8.06 -5.77 -13.32
N GLU A 145 -8.67 -6.66 -14.09
CA GLU A 145 -9.57 -7.66 -13.53
C GLU A 145 -8.81 -8.65 -12.65
N ASP A 146 -7.60 -8.99 -13.06
CA ASP A 146 -6.80 -9.96 -12.33
C ASP A 146 -6.42 -9.46 -10.93
N ILE A 147 -5.88 -8.24 -10.85
CA ILE A 147 -5.47 -7.70 -9.56
C ILE A 147 -6.67 -7.52 -8.64
N PHE A 148 -7.82 -7.20 -9.21
CA PHE A 148 -9.02 -7.04 -8.39
C PHE A 148 -9.42 -8.36 -7.76
N GLU A 149 -9.33 -9.44 -8.54
CA GLU A 149 -9.67 -10.77 -8.05
C GLU A 149 -8.62 -11.25 -7.04
N ARG A 150 -7.37 -10.89 -7.28
CA ARG A 150 -6.27 -11.24 -6.38
C ARG A 150 -6.53 -10.66 -5.01
N CYS A 151 -6.98 -9.41 -4.97
CA CYS A 151 -7.25 -8.73 -3.72
C CYS A 151 -8.51 -9.26 -3.06
N HIS A 152 -9.46 -9.72 -3.87
CA HIS A 152 -10.69 -10.31 -3.37
C HIS A 152 -10.37 -11.62 -2.65
N LYS A 153 -9.51 -12.44 -3.25
CA LYS A 153 -9.08 -13.69 -2.65
C LYS A 153 -8.20 -13.43 -1.44
N PHE A 154 -7.51 -12.29 -1.46
CA PHE A 154 -6.57 -11.95 -0.41
C PHE A 154 -7.27 -11.85 0.94
N TRP A 155 -8.35 -11.09 0.99
CA TRP A 155 -8.94 -10.67 2.27
C TRP A 155 -9.32 -11.82 3.23
N PRO A 156 -10.11 -12.80 2.77
CA PRO A 156 -10.50 -13.93 3.63
C PRO A 156 -9.31 -14.74 4.16
N VAL A 157 -8.35 -15.04 3.30
CA VAL A 157 -7.17 -15.78 3.71
C VAL A 157 -6.39 -14.98 4.74
N PHE A 158 -6.23 -13.69 4.47
CA PHE A 158 -5.45 -12.79 5.30
C PHE A 158 -6.05 -12.58 6.69
N ILE A 159 -7.32 -12.20 6.71
CA ILE A 159 -8.01 -11.91 7.96
C ILE A 159 -8.11 -13.17 8.83
N ASP A 160 -8.27 -14.33 8.21
CA ASP A 160 -8.39 -15.58 8.97
C ASP A 160 -7.07 -15.88 9.67
N ARG A 161 -5.96 -15.64 8.97
CA ARG A 161 -4.65 -15.93 9.52
C ARG A 161 -4.28 -14.96 10.63
N VAL A 162 -4.72 -13.72 10.49
CA VAL A 162 -4.40 -12.69 11.47
C VAL A 162 -5.21 -12.91 12.74
N GLU A 163 -6.53 -13.04 12.60
CA GLU A 163 -7.42 -13.17 13.74
C GLU A 163 -7.15 -14.44 14.51
N ARG A 164 -6.70 -15.47 13.79
CA ARG A 164 -6.36 -16.74 14.38
C ARG A 164 -5.04 -16.66 15.13
N LYS A 165 -4.04 -16.03 14.53
CA LYS A 165 -2.73 -15.99 15.18
C LYS A 165 -2.63 -14.87 16.22
N PHE A 166 -3.50 -13.86 16.09
CA PHE A 166 -3.48 -12.70 16.97
C PHE A 166 -4.89 -12.35 17.40
N PRO A 167 -5.52 -13.25 18.20
CA PRO A 167 -6.93 -13.13 18.59
C PRO A 167 -7.29 -11.78 19.17
N ASN A 168 -6.33 -11.13 19.80
CA ASN A 168 -6.59 -9.90 20.54
C ASN A 168 -6.28 -8.60 19.80
N VAL A 169 -5.93 -8.71 18.52
CA VAL A 169 -5.70 -7.53 17.70
C VAL A 169 -7.04 -7.06 17.11
N LYS A 170 -7.35 -5.79 17.33
CA LYS A 170 -8.55 -5.18 16.75
C LYS A 170 -8.25 -4.28 15.55
N THR A 171 -7.07 -3.67 15.55
CA THR A 171 -6.72 -2.64 14.58
C THR A 171 -5.41 -2.96 13.89
N ILE A 172 -5.41 -2.88 12.55
CA ILE A 172 -4.22 -3.14 11.76
C ILE A 172 -4.02 -2.10 10.67
N MET A 173 -2.82 -2.04 10.12
CA MET A 173 -2.50 -1.15 9.02
C MET A 173 -1.76 -1.90 7.92
N ILE A 174 -2.15 -1.63 6.68
CA ILE A 174 -1.51 -2.19 5.49
C ILE A 174 -0.79 -1.06 4.73
N VAL A 175 0.49 -1.24 4.43
CA VAL A 175 1.24 -0.27 3.63
C VAL A 175 1.50 -0.87 2.26
N THR A 176 0.98 -0.23 1.23
CA THR A 176 0.96 -0.84 -0.10
C THR A 176 1.05 0.23 -1.21
N HIS A 177 0.58 -0.10 -2.41
CA HIS A 177 0.71 0.74 -3.60
C HIS A 177 -0.65 1.28 -4.01
N ALA A 178 -0.69 2.29 -4.88
CA ALA A 178 -1.95 2.94 -5.24
C ALA A 178 -2.96 1.97 -5.82
N ALA A 179 -2.53 1.13 -6.74
CA ALA A 179 -3.45 0.20 -7.39
C ALA A 179 -3.92 -0.87 -6.40
N THR A 180 -3.00 -1.41 -5.62
CA THR A 180 -3.35 -2.47 -4.68
C THR A 180 -4.24 -1.92 -3.57
N LYS A 181 -3.96 -0.70 -3.14
CA LYS A 181 -4.72 -0.04 -2.10
C LYS A 181 -6.18 0.14 -2.50
N SER A 182 -6.43 0.68 -3.69
CA SER A 182 -7.81 0.93 -4.10
C SER A 182 -8.53 -0.37 -4.49
N ALA A 183 -7.81 -1.34 -5.04
CA ALA A 183 -8.40 -2.65 -5.31
C ALA A 183 -8.80 -3.32 -3.99
N LEU A 184 -7.96 -3.18 -2.98
CA LEU A 184 -8.23 -3.79 -1.67
C LEU A 184 -9.46 -3.14 -1.04
N GLY A 185 -9.48 -1.81 -1.05
CA GLY A 185 -10.55 -1.05 -0.45
C GLY A 185 -11.89 -1.28 -1.11
N MET A 186 -11.89 -1.30 -2.44
CA MET A 186 -13.13 -1.51 -3.18
C MET A 186 -13.66 -2.91 -2.96
N ASN A 187 -12.76 -3.86 -2.74
CA ASN A 187 -13.17 -5.21 -2.38
C ASN A 187 -13.81 -5.29 -0.99
N LEU A 188 -13.25 -4.56 -0.02
CA LEU A 188 -13.83 -4.48 1.31
C LEU A 188 -15.25 -3.94 1.23
N LEU A 189 -15.43 -2.92 0.40
CA LEU A 189 -16.72 -2.28 0.24
C LEU A 189 -17.63 -3.10 -0.67
N LYS A 190 -17.10 -4.22 -1.18
CA LYS A 190 -17.89 -5.18 -1.92
C LYS A 190 -18.38 -4.66 -3.27
N PHE A 191 -17.62 -3.76 -3.89
CA PHE A 191 -17.90 -3.37 -5.26
C PHE A 191 -17.29 -4.42 -6.19
N SER A 192 -17.79 -4.50 -7.43
CA SER A 192 -17.33 -5.53 -8.35
C SER A 192 -16.07 -5.13 -9.11
N SER A 193 -15.63 -3.89 -8.95
CA SER A 193 -14.36 -3.44 -9.53
C SER A 193 -13.84 -2.20 -8.82
N ALA A 194 -12.69 -1.70 -9.25
CA ALA A 194 -12.12 -0.47 -8.69
C ALA A 194 -12.27 0.67 -9.69
N LYS A 195 -12.92 0.39 -10.82
CA LYS A 195 -13.13 1.39 -11.85
C LYS A 195 -14.53 1.97 -11.73
N GLU A 196 -14.83 2.49 -10.54
CA GLU A 196 -16.15 3.04 -10.26
C GLU A 196 -16.18 3.76 -8.92
N PRO A 197 -17.09 4.74 -8.77
CA PRO A 197 -17.18 5.50 -7.52
C PRO A 197 -17.77 4.65 -6.41
N ILE A 198 -17.77 5.16 -5.19
CA ILE A 198 -18.35 4.45 -4.06
C ILE A 198 -19.69 5.05 -3.66
N ASP A 199 -20.18 6.01 -4.44
CA ASP A 199 -21.46 6.63 -4.17
C ASP A 199 -22.08 7.20 -5.46
N ASN A 200 -22.93 8.21 -5.33
CA ASN A 200 -23.59 8.82 -6.48
C ASN A 200 -22.86 10.08 -6.95
N LYS A 201 -22.17 10.72 -6.02
CA LYS A 201 -21.40 11.92 -6.32
C LYS A 201 -20.22 11.61 -7.24
N GLY A 202 -20.00 10.34 -7.54
CA GLY A 202 -18.83 9.94 -8.31
C GLY A 202 -17.55 9.99 -7.49
N THR A 203 -17.68 9.89 -6.17
CA THR A 203 -16.52 9.90 -5.28
C THR A 203 -15.71 8.62 -5.43
N PHE A 204 -14.45 8.77 -5.79
CA PHE A 204 -13.54 7.62 -5.86
C PHE A 204 -12.68 7.57 -4.59
N ILE A 205 -12.13 6.40 -4.31
CA ILE A 205 -11.10 6.28 -3.29
C ILE A 205 -9.90 7.10 -3.75
N ARG A 206 -9.29 7.83 -2.82
CA ARG A 206 -8.19 8.71 -3.12
C ARG A 206 -6.87 8.07 -2.69
N ASN A 207 -5.92 8.04 -3.62
CA ASN A 207 -4.67 7.31 -3.43
C ASN A 207 -3.40 8.16 -3.59
N GLY A 208 -3.37 9.33 -2.96
CA GLY A 208 -2.16 10.13 -2.95
C GLY A 208 -1.02 9.39 -2.28
N SER A 209 0.21 9.86 -2.46
CA SER A 209 1.34 9.24 -1.77
C SER A 209 1.22 9.49 -0.26
N CYS A 210 1.46 8.44 0.52
CA CYS A 210 1.23 8.46 1.98
C CYS A 210 -0.18 8.84 2.38
N ALA A 211 -1.13 8.66 1.49
CA ALA A 211 -2.53 8.87 1.81
C ALA A 211 -2.99 7.64 2.58
N ILE A 212 -3.97 7.77 3.46
CA ILE A 212 -4.36 6.66 4.31
C ILE A 212 -5.87 6.53 4.46
N ASP A 213 -6.40 5.34 4.14
CA ASP A 213 -7.81 5.03 4.30
C ASP A 213 -8.05 4.40 5.67
N LYS A 214 -9.28 4.52 6.18
CA LYS A 214 -9.68 3.73 7.35
C LYS A 214 -11.05 3.10 7.10
N PHE A 215 -11.11 1.79 7.26
CA PHE A 215 -12.36 1.05 7.18
C PHE A 215 -12.75 0.56 8.57
N GLU A 216 -14.02 0.69 8.92
CA GLU A 216 -14.55 0.25 10.22
C GLU A 216 -15.64 -0.79 10.03
N LEU A 217 -15.61 -1.84 10.86
CA LEU A 217 -16.52 -2.98 10.73
C LEU A 217 -18.00 -2.63 10.91
N PRO A 226 -17.60 -14.39 10.57
CA PRO A 226 -17.18 -14.92 9.26
C PRO A 226 -16.89 -13.81 8.26
N PHE A 227 -15.61 -13.57 7.97
CA PHE A 227 -15.24 -12.38 7.21
C PHE A 227 -16.12 -12.08 6.01
N GLU A 228 -16.26 -13.05 5.11
CA GLU A 228 -16.98 -12.85 3.86
C GLU A 228 -18.34 -12.17 4.07
N GLU A 229 -18.99 -12.46 5.19
CA GLU A 229 -20.30 -11.88 5.50
C GLU A 229 -20.22 -10.47 6.07
N ARG A 230 -19.09 -10.15 6.68
CA ARG A 230 -18.90 -8.85 7.33
C ARG A 230 -19.08 -7.65 6.41
N GLU A 231 -19.44 -6.51 6.99
CA GLU A 231 -19.57 -5.27 6.24
C GLU A 231 -18.70 -4.17 6.82
N TRP A 232 -18.21 -3.30 5.94
CA TRP A 232 -17.26 -2.28 6.29
C TRP A 232 -17.73 -0.91 5.82
N LYS A 233 -17.35 0.13 6.55
CA LYS A 233 -17.59 1.49 6.13
C LYS A 233 -16.27 2.22 6.03
N LEU A 234 -16.12 2.97 4.94
CA LEU A 234 -14.94 3.77 4.75
C LEU A 234 -15.12 5.09 5.49
N THR A 235 -14.49 5.20 6.66
CA THR A 235 -14.64 6.41 7.45
C THR A 235 -13.54 7.44 7.19
N MET A 236 -12.50 7.01 6.48
CA MET A 236 -11.43 7.93 6.08
C MET A 236 -11.00 7.62 4.65
N ASN A 237 -11.13 8.59 3.76
CA ASN A 237 -10.82 8.39 2.34
C ASN A 237 -9.52 9.08 1.93
N GLY A 238 -8.43 8.32 1.87
CA GLY A 238 -7.18 8.82 1.35
C GLY A 238 -6.74 10.09 2.04
N ASN A 239 -6.90 10.12 3.35
CA ASN A 239 -6.49 11.26 4.17
C ASN A 239 -5.03 11.64 3.94
N THR A 240 -4.81 12.93 3.68
CA THR A 240 -3.45 13.46 3.52
C THR A 240 -3.34 14.82 4.21
N SER A 241 -4.22 15.08 5.18
CA SER A 241 -4.31 16.40 5.81
C SER A 241 -3.14 16.64 6.75
N PHE A 242 -2.48 15.55 7.14
CA PHE A 242 -1.35 15.60 8.04
C PHE A 242 -0.03 15.87 7.30
N LEU A 243 -0.06 15.85 5.97
CA LEU A 243 1.15 16.10 5.18
C LEU A 243 1.35 17.58 4.88
N THR A 244 2.58 18.07 5.02
CA THR A 244 2.87 19.49 4.77
C THR A 244 2.34 19.94 3.41
N ASN A 245 2.62 19.16 2.38
CA ASN A 245 2.23 19.52 1.01
C ASN A 245 0.95 18.83 0.56
N GLY A 246 0.18 18.30 1.50
CA GLY A 246 -1.13 17.76 1.17
C GLY A 246 -1.07 16.57 0.20
N GLU A 247 -2.03 16.52 -0.72
CA GLU A 247 -2.18 15.40 -1.65
C GLU A 247 -1.33 15.55 -2.90
N GLU A 248 -0.50 14.55 -3.16
CA GLU A 248 0.36 14.55 -4.34
C GLU A 248 0.28 13.23 -5.09
N MET A 249 0.23 13.33 -6.42
CA MET A 249 0.28 12.16 -7.30
C MET A 249 -0.92 11.23 -7.10
N ASN A 250 -2.10 11.79 -6.87
CA ASN A 250 -3.31 10.98 -6.82
C ASN A 250 -3.50 10.20 -8.11
N TRP A 251 -4.10 9.01 -7.98
CA TRP A 251 -4.23 8.10 -9.11
C TRP A 251 -5.40 7.13 -8.85
N THR A 252 -6.12 6.74 -9.90
CA THR A 252 -7.11 5.67 -9.81
C THR A 252 -6.95 4.76 -11.01
N PHE A 253 -7.70 3.67 -11.04
CA PHE A 253 -7.64 2.75 -12.18
C PHE A 253 -8.17 3.39 -13.46
N MET A 254 -8.76 4.57 -13.35
CA MET A 254 -9.24 5.31 -14.53
C MET A 254 -8.06 5.90 -15.30
N ASN A 255 -6.94 6.09 -14.61
CA ASN A 255 -5.70 6.49 -15.26
C ASN A 255 -5.19 5.35 -16.14
N ALA A 256 -4.48 5.70 -17.21
CA ALA A 256 -4.10 4.70 -18.20
C ALA A 256 -2.79 4.01 -17.85
N PHE A 257 -1.93 4.72 -17.12
CA PHE A 257 -0.62 4.21 -16.79
C PHE A 257 -0.60 3.52 -15.44
N GLU A 258 0.38 2.65 -15.25
CA GLU A 258 0.69 2.13 -13.91
C GLU A 258 0.95 3.32 -13.02
N ALA A 259 0.50 3.27 -11.78
CA ALA A 259 0.63 4.42 -10.90
C ALA A 259 2.08 4.65 -10.52
N GLY A 260 2.49 5.92 -10.52
CA GLY A 260 3.83 6.28 -10.08
C GLY A 260 4.92 5.86 -11.06
N SER A 261 4.53 5.34 -12.21
CA SER A 261 5.49 4.99 -13.26
C SER A 261 6.00 6.23 -13.98
N ASP A 262 7.10 6.07 -14.72
CA ASP A 262 7.71 7.17 -15.44
C ASP A 262 6.72 7.78 -16.42
N ALA A 263 5.96 6.94 -17.11
CA ALA A 263 4.89 7.42 -17.99
C ALA A 263 3.86 8.27 -17.23
N ASP A 264 3.46 7.80 -16.06
CA ASP A 264 2.44 8.50 -15.26
C ASP A 264 2.91 9.88 -14.85
N ILE A 265 4.16 9.98 -14.44
CA ILE A 265 4.68 11.24 -13.94
C ILE A 265 5.01 12.19 -15.12
N LYS A 266 5.40 11.63 -16.26
CA LYS A 266 5.72 12.42 -17.45
C LYS A 266 4.50 13.14 -17.97
N ALA A 267 3.38 12.43 -17.99
CA ALA A 267 2.11 12.98 -18.42
C ALA A 267 1.74 14.20 -17.58
N ARG A 268 1.93 14.07 -16.27
CA ARG A 268 1.53 15.12 -15.35
C ARG A 268 2.35 16.39 -15.55
N ARG A 269 3.65 16.21 -15.70
CA ARG A 269 4.55 17.35 -15.80
C ARG A 269 4.49 18.03 -17.15
N ALA A 270 4.20 17.23 -18.18
CA ALA A 270 4.03 17.77 -19.52
C ALA A 270 2.86 18.74 -19.57
N ALA A 271 1.86 18.48 -18.74
CA ALA A 271 0.59 19.22 -18.81
C ALA A 271 0.42 20.30 -17.74
N GLU A 272 1.28 20.32 -16.71
CA GLU A 272 1.05 21.22 -15.58
C GLU A 272 1.59 22.63 -15.83
C FMT B . 2.54 3.41 -7.04
O1 FMT B . 1.63 3.39 -6.21
O2 FMT B . 3.39 4.29 -6.99
H FMT B . 2.61 2.66 -7.82
#